data_7R6U
#
_entry.id   7R6U
#
_cell.length_a   46.507
_cell.length_b   46.507
_cell.length_c   140.123
_cell.angle_alpha   90.000
_cell.angle_beta   90.000
_cell.angle_gamma   90.000
#
_symmetry.space_group_name_H-M   'P 41 21 2'
#
loop_
_entity.id
_entity.type
_entity.pdbx_description
1 polymer 'CBP domain-containing protein'
2 water water
#
_entity_poly.entity_id   1
_entity_poly.type   'polypeptide(L)'
_entity_poly.pdbx_seq_one_letter_code
;AQPAVKHALGQFNQVVTMFEKATAAASCNWITCLESLAASSAACAAALGELGLDIPLDLACIASAASTSAQGCEGCF
;
_entity_poly.pdbx_strand_id   A,B
#
# COMPACT_ATOMS: atom_id res chain seq x y z
N PRO A 3 1.93 -1.10 20.98
CA PRO A 3 0.58 -1.00 20.44
C PRO A 3 0.43 0.01 19.29
N ALA A 4 1.28 1.04 19.24
CA ALA A 4 1.10 2.09 18.23
C ALA A 4 1.22 1.55 16.82
N VAL A 5 2.19 0.67 16.57
CA VAL A 5 2.28 0.06 15.25
C VAL A 5 1.05 -0.79 14.97
N LYS A 6 0.62 -1.60 15.95
CA LYS A 6 -0.55 -2.45 15.75
C LYS A 6 -1.82 -1.64 15.51
N HIS A 7 -1.94 -0.49 16.18
CA HIS A 7 -3.09 0.38 15.97
C HIS A 7 -3.14 0.88 14.53
N ALA A 8 -2.01 1.34 14.00
CA ALA A 8 -1.96 1.81 12.61
C ALA A 8 -2.31 0.69 11.64
N LEU A 9 -1.86 -0.53 11.91
CA LEU A 9 -2.18 -1.66 11.05
C LEU A 9 -3.68 -1.93 11.05
N GLY A 10 -4.32 -1.86 12.20
CA GLY A 10 -5.77 -2.02 12.26
C GLY A 10 -6.48 -0.95 11.45
N GLN A 11 -6.05 0.31 11.58
CA GLN A 11 -6.68 1.37 10.80
C GLN A 11 -6.45 1.15 9.31
N PHE A 12 -5.28 0.65 8.95
CA PHE A 12 -5.01 0.40 7.53
C PHE A 12 -6.01 -0.58 6.94
N ASN A 13 -6.31 -1.66 7.66
CA ASN A 13 -7.27 -2.64 7.15
C ASN A 13 -8.64 -1.99 6.90
N GLN A 14 -9.06 -1.07 7.76
CA GLN A 14 -10.33 -0.36 7.55
C GLN A 14 -10.27 0.56 6.33
N VAL A 15 -9.15 1.25 6.15
CA VAL A 15 -8.99 2.13 4.98
C VAL A 15 -9.05 1.32 3.69
N VAL A 16 -8.36 0.18 3.63
CA VAL A 16 -8.37 -0.65 2.43
C VAL A 16 -9.79 -1.08 2.09
N THR A 17 -10.56 -1.55 3.08
CA THR A 17 -11.94 -1.96 2.82
C THR A 17 -12.77 -0.82 2.23
N MET A 18 -12.68 0.37 2.83
CA MET A 18 -13.45 1.52 2.34
C MET A 18 -13.02 1.93 0.95
N PHE A 19 -11.71 1.91 0.68
CA PHE A 19 -11.20 2.29 -0.63
C PHE A 19 -11.69 1.32 -1.70
N GLU A 20 -11.68 0.02 -1.38
CA GLU A 20 -12.23 -0.97 -2.32
C GLU A 20 -13.69 -0.69 -2.62
N LYS A 21 -14.50 -0.46 -1.58
CA LYS A 21 -15.92 -0.20 -1.78
C LYS A 21 -16.12 1.07 -2.60
N ALA A 22 -15.33 2.11 -2.32
CA ALA A 22 -15.55 3.40 -2.96
C ALA A 22 -15.16 3.37 -4.43
N THR A 23 -14.03 2.75 -4.74
CA THR A 23 -13.62 2.69 -6.14
C THR A 23 -14.51 1.76 -6.94
N ALA A 24 -15.00 0.68 -6.33
CA ALA A 24 -15.99 -0.16 -7.00
C ALA A 24 -17.28 0.61 -7.29
N ALA A 25 -17.77 1.39 -6.32
CA ALA A 25 -18.97 2.19 -6.52
C ALA A 25 -18.76 3.23 -7.61
N ALA A 26 -17.53 3.69 -7.80
CA ALA A 26 -17.18 4.69 -8.79
C ALA A 26 -16.79 4.07 -10.13
N SER A 27 -16.91 2.75 -10.27
CA SER A 27 -16.64 2.03 -11.53
C SER A 27 -15.19 2.23 -11.99
N CYS A 28 -14.25 2.21 -11.06
CA CYS A 28 -12.84 2.30 -11.42
C CYS A 28 -12.43 1.10 -12.27
N ASN A 29 -11.76 1.39 -13.39
CA ASN A 29 -11.27 0.38 -14.33
C ASN A 29 -9.81 0.15 -14.01
N TRP A 30 -9.54 -0.79 -13.08
CA TRP A 30 -8.19 -0.90 -12.52
C TRP A 30 -7.16 -1.25 -13.57
N ILE A 31 -7.45 -2.24 -14.41
CA ILE A 31 -6.38 -2.75 -15.28
C ILE A 31 -5.93 -1.66 -16.25
N THR A 32 -6.87 -0.90 -16.81
CA THR A 32 -6.47 0.15 -17.75
C THR A 32 -5.77 1.29 -17.04
N CYS A 33 -6.24 1.62 -15.83
CA CYS A 33 -5.59 2.67 -15.04
C CYS A 33 -4.15 2.28 -14.70
N LEU A 34 -3.95 1.05 -14.25
CA LEU A 34 -2.62 0.62 -13.86
C LEU A 34 -1.69 0.50 -15.07
N GLU A 35 -2.22 0.10 -16.23
CA GLU A 35 -1.40 0.12 -17.44
C GLU A 35 -0.90 1.53 -17.75
N SER A 36 -1.73 2.55 -17.49
CA SER A 36 -1.33 3.93 -17.77
C SER A 36 -0.30 4.42 -16.76
N LEU A 37 -0.32 3.90 -15.54
CA LEU A 37 0.52 4.39 -14.45
C LEU A 37 1.75 3.53 -14.18
N ALA A 38 1.89 2.37 -14.83
CA ALA A 38 2.87 1.38 -14.38
C ALA A 38 4.30 1.89 -14.46
N ALA A 39 4.60 2.72 -15.47
CA ALA A 39 5.96 3.26 -15.58
C ALA A 39 6.24 4.36 -14.56
N SER A 40 5.25 4.81 -13.81
CA SER A 40 5.38 6.02 -12.99
C SER A 40 5.89 5.77 -11.58
N SER A 41 5.76 4.56 -11.03
CA SER A 41 6.19 4.32 -9.67
C SER A 41 6.33 2.82 -9.43
N ALA A 42 7.12 2.49 -8.41
CA ALA A 42 7.33 1.10 -8.05
C ALA A 42 6.02 0.46 -7.60
N ALA A 43 5.19 1.21 -6.87
CA ALA A 43 3.92 0.68 -6.39
C ALA A 43 3.01 0.34 -7.57
N CYS A 44 2.99 1.19 -8.59
CA CYS A 44 2.10 0.97 -9.72
C CYS A 44 2.53 -0.23 -10.56
N ALA A 45 3.84 -0.38 -10.77
CA ALA A 45 4.32 -1.57 -11.48
C ALA A 45 3.96 -2.83 -10.72
N ALA A 46 4.10 -2.81 -9.40
CA ALA A 46 3.72 -3.97 -8.59
C ALA A 46 2.21 -4.24 -8.65
N ALA A 47 1.40 -3.18 -8.58
CA ALA A 47 -0.04 -3.35 -8.65
C ALA A 47 -0.46 -3.96 -9.99
N LEU A 48 0.17 -3.53 -11.08
CA LEU A 48 -0.15 -4.09 -12.39
C LEU A 48 0.27 -5.55 -12.48
N GLY A 49 1.38 -5.90 -11.84
CA GLY A 49 1.81 -7.29 -11.85
C GLY A 49 0.80 -8.22 -11.19
N GLU A 50 0.00 -7.69 -10.27
CA GLU A 50 -1.08 -8.43 -9.63
C GLU A 50 -2.42 -8.20 -10.34
N LEU A 51 -2.41 -7.57 -11.52
CA LEU A 51 -3.60 -7.40 -12.37
C LEU A 51 -4.70 -6.60 -11.68
N GLY A 52 -4.30 -5.72 -10.76
CA GLY A 52 -5.24 -4.89 -10.03
C GLY A 52 -6.00 -5.60 -8.91
N LEU A 53 -5.75 -6.88 -8.69
CA LEU A 53 -6.50 -7.64 -7.70
C LEU A 53 -6.02 -7.40 -6.28
N ASP A 54 -4.87 -6.74 -6.10
CA ASP A 54 -4.27 -6.51 -4.80
C ASP A 54 -4.63 -5.08 -4.38
N ILE A 55 -5.70 -4.93 -3.60
CA ILE A 55 -6.18 -3.58 -3.26
C ILE A 55 -5.13 -2.78 -2.51
N PRO A 56 -4.39 -3.33 -1.54
CA PRO A 56 -3.34 -2.51 -0.91
C PRO A 56 -2.32 -1.97 -1.90
N LEU A 57 -1.93 -2.75 -2.91
CA LEU A 57 -1.01 -2.23 -3.91
C LEU A 57 -1.69 -1.19 -4.81
N ASP A 58 -2.97 -1.41 -5.15
CA ASP A 58 -3.71 -0.40 -5.92
C ASP A 58 -3.74 0.93 -5.19
N LEU A 59 -4.01 0.87 -3.89
CA LEU A 59 -4.11 2.07 -3.08
C LEU A 59 -2.78 2.79 -3.01
N ALA A 60 -1.69 2.06 -2.79
CA ALA A 60 -0.36 2.67 -2.80
C ALA A 60 -0.04 3.29 -4.17
N CYS A 61 -0.45 2.61 -5.25
CA CYS A 61 -0.23 3.17 -6.58
C CYS A 61 -0.95 4.51 -6.74
N ILE A 62 -2.26 4.52 -6.46
CA ILE A 62 -3.05 5.74 -6.65
C ILE A 62 -2.55 6.87 -5.78
N ALA A 63 -2.17 6.55 -4.53
CA ALA A 63 -1.63 7.59 -3.65
C ALA A 63 -0.33 8.17 -4.19
N SER A 64 0.49 7.35 -4.85
CA SER A 64 1.77 7.81 -5.36
C SER A 64 1.68 8.53 -6.70
N ALA A 65 0.57 8.38 -7.42
CA ALA A 65 0.47 8.92 -8.76
C ALA A 65 -0.62 9.98 -8.86
N SER A 69 -3.83 12.94 -15.83
CA SER A 69 -3.37 12.76 -17.20
C SER A 69 -3.21 11.28 -17.54
N ALA A 70 -3.70 10.41 -16.64
CA ALA A 70 -3.63 8.97 -16.84
C ALA A 70 -4.94 8.50 -17.45
N GLN A 71 -4.83 7.78 -18.56
CA GLN A 71 -6.03 7.27 -19.21
C GLN A 71 -6.61 6.10 -18.44
N GLY A 72 -7.94 6.07 -18.36
CA GLY A 72 -8.62 4.99 -17.70
C GLY A 72 -8.69 5.06 -16.19
N CYS A 73 -8.28 6.17 -15.57
CA CYS A 73 -8.21 6.21 -14.12
C CYS A 73 -9.37 6.97 -13.47
N GLU A 74 -10.37 7.35 -14.25
CA GLU A 74 -11.55 8.01 -13.72
C GLU A 74 -12.22 7.13 -12.66
N GLY A 75 -12.45 7.69 -11.48
CA GLY A 75 -13.07 6.92 -10.42
C GLY A 75 -12.09 6.15 -9.55
N CYS A 76 -10.81 6.09 -9.93
CA CYS A 76 -9.83 5.42 -9.09
C CYS A 76 -9.15 6.35 -8.11
N PHE A 77 -9.28 7.67 -8.28
CA PHE A 77 -8.59 8.64 -7.45
C PHE A 77 -9.55 9.69 -6.90
N ALA B 1 -19.88 8.95 -5.72
CA ALA B 1 -18.87 8.06 -5.13
C ALA B 1 -17.48 8.73 -5.00
N GLN B 2 -17.24 9.77 -5.79
CA GLN B 2 -15.92 10.39 -5.75
C GLN B 2 -15.57 11.00 -4.40
N PRO B 3 -16.49 11.59 -3.62
CA PRO B 3 -16.09 12.01 -2.27
C PRO B 3 -15.57 10.87 -1.43
N ALA B 4 -16.16 9.67 -1.56
CA ALA B 4 -15.71 8.53 -0.77
C ALA B 4 -14.29 8.10 -1.14
N VAL B 5 -13.99 8.06 -2.44
CA VAL B 5 -12.63 7.70 -2.88
C VAL B 5 -11.62 8.69 -2.32
N LYS B 6 -11.91 9.99 -2.45
CA LYS B 6 -10.99 11.02 -1.96
C LYS B 6 -10.83 10.94 -0.45
N HIS B 7 -11.93 10.69 0.27
CA HIS B 7 -11.84 10.55 1.73
C HIS B 7 -10.93 9.41 2.13
N ALA B 8 -11.10 8.24 1.47
CA ALA B 8 -10.29 7.07 1.78
C ALA B 8 -8.81 7.32 1.48
N LEU B 9 -8.52 8.04 0.39
CA LEU B 9 -7.13 8.39 0.10
C LEU B 9 -6.55 9.29 1.18
N GLY B 10 -7.34 10.25 1.68
CA GLY B 10 -6.90 11.07 2.78
C GLY B 10 -6.60 10.25 4.02
N GLN B 11 -7.47 9.30 4.33
CA GLN B 11 -7.22 8.44 5.50
C GLN B 11 -5.99 7.58 5.31
N PHE B 12 -5.75 7.10 4.08
CA PHE B 12 -4.54 6.33 3.79
C PHE B 12 -3.29 7.15 4.07
N ASN B 13 -3.25 8.39 3.59
CA ASN B 13 -2.07 9.22 3.82
C ASN B 13 -1.84 9.44 5.31
N GLN B 14 -2.91 9.59 6.09
CA GLN B 14 -2.76 9.76 7.54
C GLN B 14 -2.21 8.50 8.19
N VAL B 15 -2.72 7.34 7.78
CA VAL B 15 -2.25 6.06 8.34
C VAL B 15 -0.79 5.83 7.99
N VAL B 16 -0.38 6.15 6.76
CA VAL B 16 1.01 5.96 6.36
C VAL B 16 1.92 6.78 7.25
N THR B 17 1.55 8.04 7.50
CA THR B 17 2.33 8.90 8.38
C THR B 17 2.42 8.32 9.79
N MET B 18 1.28 7.88 10.33
CA MET B 18 1.27 7.32 11.67
C MET B 18 2.12 6.06 11.75
N PHE B 19 2.04 5.21 10.71
CA PHE B 19 2.80 3.98 10.67
C PHE B 19 4.30 4.25 10.59
N GLU B 20 4.70 5.23 9.77
CA GLU B 20 6.11 5.61 9.68
C GLU B 20 6.62 6.06 11.04
N LYS B 21 5.89 6.95 11.71
CA LYS B 21 6.34 7.45 13.01
C LYS B 21 6.44 6.33 14.04
N ALA B 22 5.46 5.42 14.03
CA ALA B 22 5.43 4.37 15.04
C ALA B 22 6.54 3.35 14.82
N THR B 23 6.78 2.96 13.57
CA THR B 23 7.85 1.99 13.32
C THR B 23 9.23 2.61 13.52
N ALA B 24 9.40 3.90 13.17
CA ALA B 24 10.67 4.55 13.45
C ALA B 24 10.94 4.62 14.95
N ALA B 25 9.92 4.94 15.74
CA ALA B 25 10.07 5.01 17.18
C ALA B 25 10.40 3.65 17.78
N ALA B 26 9.97 2.56 17.15
CA ALA B 26 10.24 1.20 17.60
C ALA B 26 11.52 0.62 17.01
N SER B 27 12.29 1.42 16.27
CA SER B 27 13.58 1.02 15.70
C SER B 27 13.44 -0.14 14.71
N CYS B 28 12.41 -0.10 13.88
CA CYS B 28 12.26 -1.11 12.83
C CYS B 28 13.40 -1.02 11.82
N ASN B 29 14.00 -2.18 11.54
CA ASN B 29 15.05 -2.31 10.51
C ASN B 29 14.38 -2.90 9.27
N TRP B 30 14.01 -2.03 8.33
CA TRP B 30 13.20 -2.47 7.20
C TRP B 30 13.93 -3.51 6.37
N ILE B 31 15.22 -3.33 6.12
CA ILE B 31 15.91 -4.23 5.21
C ILE B 31 15.99 -5.64 5.80
N THR B 32 16.29 -5.78 7.10
CA THR B 32 16.36 -7.14 7.64
C THR B 32 14.96 -7.77 7.67
N CYS B 33 13.94 -6.97 7.97
CA CYS B 33 12.59 -7.49 7.99
C CYS B 33 12.15 -7.91 6.59
N LEU B 34 12.37 -7.06 5.60
CA LEU B 34 11.91 -7.37 4.25
C LEU B 34 12.69 -8.50 3.61
N GLU B 35 13.98 -8.66 3.95
CA GLU B 35 14.69 -9.84 3.45
C GLU B 35 14.00 -11.11 3.91
N SER B 36 13.46 -11.12 5.14
CA SER B 36 12.79 -12.30 5.65
C SER B 36 11.41 -12.49 5.03
N LEU B 37 10.73 -11.41 4.65
CA LEU B 37 9.35 -11.51 4.19
C LEU B 37 9.20 -11.51 2.68
N ALA B 38 10.27 -11.28 1.92
CA ALA B 38 10.10 -10.95 0.51
C ALA B 38 9.46 -12.09 -0.28
N ALA B 39 9.74 -13.34 0.07
CA ALA B 39 9.16 -14.47 -0.65
C ALA B 39 7.70 -14.70 -0.33
N SER B 40 7.13 -13.99 0.64
CA SER B 40 5.81 -14.32 1.14
C SER B 40 4.67 -13.61 0.41
N SER B 41 4.93 -12.49 -0.28
CA SER B 41 3.85 -11.78 -0.94
C SER B 41 4.40 -10.81 -1.97
N ALA B 42 3.52 -10.43 -2.90
CA ALA B 42 3.89 -9.47 -3.94
C ALA B 42 4.24 -8.12 -3.32
N ALA B 43 3.53 -7.71 -2.28
CA ALA B 43 3.82 -6.44 -1.63
C ALA B 43 5.19 -6.48 -0.96
N CYS B 44 5.52 -7.59 -0.31
CA CYS B 44 6.81 -7.65 0.38
C CYS B 44 7.96 -7.68 -0.61
N ALA B 45 7.79 -8.40 -1.72
CA ALA B 45 8.83 -8.39 -2.75
C ALA B 45 9.03 -6.98 -3.32
N ALA B 46 7.93 -6.25 -3.56
CA ALA B 46 8.05 -4.89 -4.08
C ALA B 46 8.71 -3.98 -3.06
N ALA B 47 8.35 -4.13 -1.78
CA ALA B 47 8.94 -3.28 -0.75
C ALA B 47 10.45 -3.50 -0.63
N LEU B 48 10.90 -4.76 -0.72
CA LEU B 48 12.33 -5.02 -0.67
C LEU B 48 13.04 -4.44 -1.89
N GLY B 49 12.40 -4.48 -3.06
CA GLY B 49 12.99 -3.90 -4.26
C GLY B 49 13.22 -2.41 -4.15
N GLU B 50 12.44 -1.71 -3.32
CA GLU B 50 12.63 -0.31 -3.03
C GLU B 50 13.46 -0.07 -1.76
N LEU B 51 14.13 -1.10 -1.27
CA LEU B 51 15.08 -1.01 -0.16
C LEU B 51 14.43 -0.57 1.14
N GLY B 52 13.12 -0.81 1.28
CA GLY B 52 12.41 -0.38 2.46
C GLY B 52 12.13 1.10 2.53
N LEU B 53 12.54 1.87 1.53
CA LEU B 53 12.40 3.31 1.58
C LEU B 53 10.99 3.79 1.22
N ASP B 54 10.14 2.92 0.69
CA ASP B 54 8.78 3.25 0.26
C ASP B 54 7.82 2.82 1.38
N ILE B 55 7.44 3.77 2.25
CA ILE B 55 6.62 3.40 3.42
C ILE B 55 5.28 2.80 3.01
N PRO B 56 4.56 3.31 2.01
CA PRO B 56 3.32 2.63 1.61
C PRO B 56 3.52 1.15 1.25
N LEU B 57 4.62 0.81 0.56
CA LEU B 57 4.86 -0.60 0.26
C LEU B 57 5.24 -1.39 1.51
N ASP B 58 6.03 -0.78 2.41
CA ASP B 58 6.34 -1.41 3.69
C ASP B 58 5.08 -1.75 4.45
N LEU B 59 4.13 -0.79 4.48
CA LEU B 59 2.87 -0.99 5.18
C LEU B 59 2.06 -2.11 4.56
N ALA B 60 1.93 -2.12 3.23
CA ALA B 60 1.21 -3.20 2.57
C ALA B 60 1.88 -4.55 2.83
N CYS B 61 3.20 -4.59 2.85
CA CYS B 61 3.90 -5.83 3.17
C CYS B 61 3.55 -6.33 4.56
N ILE B 62 3.68 -5.46 5.58
CA ILE B 62 3.42 -5.90 6.95
C ILE B 62 1.96 -6.33 7.12
N ALA B 63 1.03 -5.60 6.50
CA ALA B 63 -0.38 -5.97 6.59
C ALA B 63 -0.63 -7.34 5.98
N SER B 64 0.13 -7.71 4.95
CA SER B 64 -0.05 -8.99 4.27
C SER B 64 0.56 -10.16 5.04
N ALA B 65 1.39 -9.88 6.03
CA ALA B 65 2.11 -10.94 6.71
C ALA B 65 1.62 -11.09 8.14
N SER B 69 5.93 -15.59 11.45
CA SER B 69 7.08 -15.45 12.33
C SER B 69 8.36 -15.19 11.53
N ALA B 70 8.59 -13.92 11.21
CA ALA B 70 9.75 -13.50 10.44
C ALA B 70 10.86 -12.98 11.34
N GLN B 71 12.08 -13.47 11.11
CA GLN B 71 13.24 -12.97 11.82
C GLN B 71 13.64 -11.59 11.31
N GLY B 72 14.11 -10.74 12.22
CA GLY B 72 14.55 -9.40 11.84
C GLY B 72 13.47 -8.35 11.72
N CYS B 73 12.25 -8.64 12.16
CA CYS B 73 11.12 -7.73 12.01
C CYS B 73 10.72 -7.03 13.30
N GLU B 74 11.56 -7.11 14.34
CA GLU B 74 11.27 -6.44 15.61
C GLU B 74 10.99 -4.95 15.39
N GLY B 75 9.84 -4.50 15.90
CA GLY B 75 9.47 -3.10 15.78
C GLY B 75 8.72 -2.76 14.51
N CYS B 76 8.67 -3.67 13.55
CA CYS B 76 7.95 -3.44 12.31
C CYS B 76 6.52 -3.96 12.36
N PHE B 77 6.23 -4.81 13.36
CA PHE B 77 5.00 -5.59 13.58
C PHE B 77 4.57 -6.34 12.35
#